data_7JYO
#
_entry.id   7JYO
#
_cell.length_a   44.568
_cell.length_b   57.375
_cell.length_c   61.071
_cell.angle_alpha   90.000
_cell.angle_beta   111.004
_cell.angle_gamma   90.000
#
_symmetry.space_group_name_H-M   'P 1 21 1'
#
loop_
_entity.id
_entity.type
_entity.pdbx_description
1 polymer 'Tyrosine-protein kinase JAK2'
2 non-polymer '3-({4-amino-6-[(4-cyanophenyl)amino]-1,3,5-triazin-2-yl}oxy)benzoic acid'
3 non-polymer GLYCEROL
4 water water
#
_entity_poly.entity_id   1
_entity_poly.type   'polypeptide(L)'
_entity_poly.pdbx_seq_one_letter_code
;VFHKIRNEDLIFNESLGQGTFTKIFKGVRREVGDYGQLHETEVLLKVLDKAHRNYSESFFEAASMMSKLSHKHLVLNYGV
CVCGDENILVQEFVKFGSLDTYLKKNKNCINILWKLEVAKQLAAAMHFLEENTLIHGNVCAKNILLIREEDRKTGNPPFI
KLSDPGISITVLPKDILQERIPWVPPECIENPKNLNLATDKWSFGTTLWEICSGGDKPLSALDSQRKLQFYEDRHQLPAP
KAAELANLINNCMDYEPDHRPSFRAIIRDLNSLFTPDLVPRGSHHHHHH
;
_entity_poly.pdbx_strand_id   A
#
# COMPACT_ATOMS: atom_id res chain seq x y z
N LYS A 4 1.91 19.45 11.84
CA LYS A 4 1.91 20.71 11.08
C LYS A 4 3.30 21.35 11.11
N ILE A 5 3.97 21.35 9.95
CA ILE A 5 5.39 21.65 9.85
C ILE A 5 5.59 22.85 8.93
N ARG A 6 6.63 23.63 9.22
CA ARG A 6 6.91 24.85 8.51
C ARG A 6 7.65 24.56 7.21
N ASN A 7 7.32 25.32 6.16
CA ASN A 7 8.05 25.23 4.90
C ASN A 7 9.55 25.39 5.14
N GLU A 8 9.92 26.30 6.05
CA GLU A 8 11.32 26.60 6.33
C GLU A 8 12.07 25.43 6.96
N ASP A 9 11.37 24.46 7.53
CA ASP A 9 12.02 23.30 8.11
C ASP A 9 12.18 22.14 7.13
N LEU A 10 11.72 22.28 5.89
CA LEU A 10 11.75 21.20 4.90
C LEU A 10 12.61 21.58 3.71
N ILE A 11 13.53 20.71 3.34
CA ILE A 11 14.34 20.86 2.14
C ILE A 11 13.97 19.74 1.17
N PHE A 12 13.55 20.09 -0.04
CA PHE A 12 13.20 19.11 -1.06
C PHE A 12 14.44 18.64 -1.82
N ASN A 13 14.61 17.33 -1.94
CA ASN A 13 15.69 16.81 -2.77
C ASN A 13 15.12 15.97 -3.92
N GLU A 14 15.68 14.80 -4.20
CA GLU A 14 15.43 14.18 -5.50
C GLU A 14 13.99 13.65 -5.61
N SER A 15 13.45 13.75 -6.82
CA SER A 15 12.17 13.12 -7.11
C SER A 15 12.32 11.60 -7.07
N LEU A 16 11.39 10.93 -6.40
CA LEU A 16 11.38 9.47 -6.36
C LEU A 16 10.29 8.86 -7.22
N GLY A 17 9.33 9.66 -7.65
CA GLY A 17 8.33 9.20 -8.57
C GLY A 17 7.05 9.97 -8.39
N GLN A 18 5.95 9.33 -8.76
CA GLN A 18 4.64 9.93 -8.64
C GLN A 18 3.65 8.86 -8.19
N GLY A 19 2.61 9.32 -7.50
CA GLY A 19 1.42 8.55 -7.25
C GLY A 19 0.23 9.13 -7.96
N THR A 20 -0.95 8.71 -7.53
CA THR A 20 -2.18 9.23 -8.14
C THR A 20 -2.34 10.69 -7.76
N PHE A 21 -2.15 11.58 -8.74
CA PHE A 21 -2.26 13.03 -8.60
C PHE A 21 -1.25 13.59 -7.61
N THR A 22 -0.11 12.92 -7.45
CA THR A 22 0.93 13.36 -6.52
C THR A 22 2.30 13.22 -7.16
N LYS A 23 3.26 13.97 -6.62
CA LYS A 23 4.68 13.81 -6.92
C LYS A 23 5.41 13.50 -5.62
N ILE A 24 6.39 12.60 -5.68
CA ILE A 24 7.06 12.11 -4.49
C ILE A 24 8.53 12.54 -4.54
N PHE A 25 9.05 12.97 -3.39
CA PHE A 25 10.42 13.46 -3.25
C PHE A 25 11.06 12.92 -1.97
N LYS A 26 12.35 12.62 -2.06
CA LYS A 26 13.15 12.49 -0.86
C LYS A 26 13.46 13.89 -0.32
N GLY A 27 13.53 14.02 1.01
CA GLY A 27 13.72 15.33 1.60
C GLY A 27 14.39 15.29 2.95
N VAL A 28 14.52 16.47 3.57
CA VAL A 28 15.14 16.60 4.88
C VAL A 28 14.30 17.55 5.71
N ARG A 29 13.98 17.14 6.93
CA ARG A 29 13.29 18.00 7.89
C ARG A 29 14.25 18.36 9.03
N ARG A 30 14.39 19.66 9.28
CA ARG A 30 15.13 20.17 10.42
C ARG A 30 14.16 20.26 11.59
N GLU A 31 14.49 19.62 12.71
CA GLU A 31 13.54 19.55 13.81
C GLU A 31 14.27 19.51 15.15
N VAL A 32 13.60 20.00 16.18
CA VAL A 32 14.05 19.77 17.56
C VAL A 32 13.45 18.46 18.03
N GLY A 33 14.30 17.52 18.42
CA GLY A 33 13.88 16.21 18.88
C GLY A 33 13.94 16.06 20.39
N ASP A 34 13.96 14.79 20.84
CA ASP A 34 14.01 14.50 22.26
C ASP A 34 15.20 15.18 22.92
N TYR A 35 15.01 15.57 24.18
CA TYR A 35 16.02 16.26 24.99
C TYR A 35 16.47 17.59 24.37
N GLY A 36 15.67 18.15 23.46
CA GLY A 36 16.09 19.39 22.80
C GLY A 36 17.18 19.24 21.77
N GLN A 37 17.54 18.02 21.37
CA GLN A 37 18.59 17.84 20.37
C GLN A 37 18.07 18.19 18.98
N LEU A 38 18.86 18.97 18.24
CA LEU A 38 18.53 19.30 16.86
C LEU A 38 18.89 18.15 15.94
N HIS A 39 17.98 17.82 15.03
CA HIS A 39 18.11 16.71 14.09
C HIS A 39 17.79 17.18 12.69
N GLU A 40 18.51 16.63 11.72
CA GLU A 40 18.17 16.75 10.30
C GLU A 40 17.77 15.35 9.85
N THR A 41 16.48 15.15 9.62
CA THR A 41 15.88 13.82 9.44
C THR A 41 15.44 13.64 7.99
N GLU A 42 15.91 12.56 7.35
CA GLU A 42 15.45 12.24 6.01
C GLU A 42 13.95 11.95 6.03
N VAL A 43 13.22 12.51 5.06
CA VAL A 43 11.77 12.39 5.05
C VAL A 43 11.29 12.06 3.64
N LEU A 44 10.13 11.40 3.58
CA LEU A 44 9.39 11.17 2.34
C LEU A 44 8.36 12.27 2.23
N LEU A 45 8.37 12.99 1.11
CA LEU A 45 7.48 14.13 0.90
C LEU A 45 6.55 13.82 -0.26
N LYS A 46 5.24 13.82 -0.01
CA LYS A 46 4.24 13.62 -1.05
C LYS A 46 3.51 14.93 -1.28
N VAL A 47 3.54 15.42 -2.51
CA VAL A 47 3.02 16.72 -2.91
C VAL A 47 1.83 16.49 -3.84
N LEU A 48 0.65 16.98 -3.45
CA LEU A 48 -0.50 16.94 -4.34
C LEU A 48 -0.28 17.85 -5.55
N ASP A 49 -0.60 17.35 -6.74
CA ASP A 49 -0.53 18.17 -7.94
C ASP A 49 -1.45 19.38 -7.79
N LYS A 50 -0.91 20.58 -8.08
CA LYS A 50 -1.72 21.79 -7.98
C LYS A 50 -2.93 21.71 -8.90
N ALA A 51 -2.75 21.15 -10.10
CA ALA A 51 -3.86 20.96 -11.02
C ALA A 51 -4.96 20.08 -10.44
N HIS A 52 -4.66 19.31 -9.39
CA HIS A 52 -5.68 18.46 -8.77
C HIS A 52 -5.94 18.86 -7.32
N ARG A 53 -5.83 20.15 -7.02
CA ARG A 53 -6.12 20.68 -5.69
C ARG A 53 -7.54 20.39 -5.24
N ASN A 54 -8.42 19.93 -6.14
CA ASN A 54 -9.77 19.57 -5.74
C ASN A 54 -9.76 18.42 -4.74
N TYR A 55 -8.74 17.55 -4.81
CA TYR A 55 -8.68 16.33 -4.01
C TYR A 55 -7.95 16.52 -2.70
N SER A 56 -7.78 17.76 -2.23
CA SER A 56 -6.93 17.98 -1.07
C SER A 56 -7.53 17.36 0.19
N GLU A 57 -8.84 17.48 0.37
CA GLU A 57 -9.48 16.89 1.54
C GLU A 57 -9.26 15.39 1.60
N SER A 58 -9.52 14.69 0.48
CA SER A 58 -9.33 13.24 0.47
C SER A 58 -7.85 12.88 0.58
N PHE A 59 -6.99 13.64 -0.10
CA PHE A 59 -5.54 13.47 0.01
C PHE A 59 -5.09 13.41 1.47
N PHE A 60 -5.59 14.33 2.29
CA PHE A 60 -5.19 14.42 3.69
C PHE A 60 -5.97 13.50 4.61
N GLU A 61 -7.25 13.27 4.33
CA GLU A 61 -8.03 12.31 5.11
C GLU A 61 -7.41 10.93 5.05
N ALA A 62 -6.74 10.59 3.94
CA ALA A 62 -6.08 9.29 3.82
C ALA A 62 -4.96 9.14 4.84
N ALA A 63 -4.06 10.11 4.88
CA ALA A 63 -2.97 10.05 5.85
C ALA A 63 -3.50 10.19 7.27
N SER A 64 -4.41 11.13 7.48
CA SER A 64 -4.91 11.43 8.82
C SER A 64 -5.57 10.21 9.46
N MET A 65 -6.47 9.56 8.72
CA MET A 65 -7.19 8.41 9.24
C MET A 65 -6.24 7.37 9.82
N MET A 66 -5.15 7.06 9.11
CA MET A 66 -4.24 6.03 9.57
C MET A 66 -3.38 6.49 10.75
N SER A 67 -3.16 7.78 10.90
CA SER A 67 -2.27 8.25 11.95
C SER A 67 -2.97 8.47 13.28
N LYS A 68 -4.28 8.30 13.34
CA LYS A 68 -4.93 8.26 14.65
C LYS A 68 -4.61 6.94 15.38
N LEU A 69 -4.21 5.90 14.66
CA LEU A 69 -3.75 4.65 15.23
C LEU A 69 -2.24 4.52 15.08
N SER A 70 -1.60 3.91 16.08
CA SER A 70 -0.17 3.66 16.08
C SER A 70 0.05 2.15 16.01
N HIS A 71 0.97 1.70 15.16
CA HIS A 71 1.19 0.27 15.01
C HIS A 71 2.52 0.02 14.31
N LYS A 72 3.22 -1.04 14.72
CA LYS A 72 4.57 -1.26 14.23
C LYS A 72 4.64 -1.53 12.74
N HIS A 73 3.53 -1.92 12.12
CA HIS A 73 3.48 -2.21 10.68
C HIS A 73 2.73 -1.15 9.89
N LEU A 74 2.38 -0.01 10.48
CA LEU A 74 1.78 1.12 9.77
C LEU A 74 2.80 2.24 9.71
N VAL A 75 2.96 2.83 8.53
CA VAL A 75 3.98 3.84 8.30
C VAL A 75 3.77 5.04 9.22
N LEU A 76 4.86 5.67 9.62
CA LEU A 76 4.79 6.84 10.49
C LEU A 76 4.65 8.10 9.64
N ASN A 77 3.65 8.92 9.94
CA ASN A 77 3.50 10.23 9.33
C ASN A 77 3.89 11.29 10.35
N TYR A 78 4.78 12.19 9.93
CA TYR A 78 5.23 13.27 10.81
C TYR A 78 4.21 14.40 10.87
N GLY A 79 3.65 14.78 9.72
CA GLY A 79 2.65 15.83 9.70
C GLY A 79 2.40 16.29 8.28
N VAL A 80 1.85 17.49 8.18
CA VAL A 80 1.59 18.10 6.88
C VAL A 80 2.26 19.46 6.84
N CYS A 81 2.66 19.87 5.66
CA CYS A 81 3.06 21.25 5.38
C CYS A 81 2.03 21.79 4.38
N VAL A 82 1.21 22.72 4.84
CA VAL A 82 0.30 23.46 3.97
C VAL A 82 0.91 24.85 3.78
N CYS A 83 2.08 24.90 3.16
CA CYS A 83 2.81 26.14 2.98
C CYS A 83 3.03 26.41 1.49
N GLY A 84 2.87 27.66 1.10
CA GLY A 84 2.75 27.97 -0.30
C GLY A 84 1.37 27.53 -0.76
N ASP A 85 1.25 27.35 -2.07
CA ASP A 85 0.06 26.76 -2.66
C ASP A 85 0.11 25.24 -2.67
N GLU A 86 1.06 24.64 -1.96
CA GLU A 86 1.30 23.21 -2.00
C GLU A 86 0.66 22.51 -0.80
N ASN A 87 0.15 21.31 -1.04
CA ASN A 87 -0.31 20.41 0.01
C ASN A 87 0.67 19.25 0.09
N ILE A 88 1.38 19.14 1.22
CA ILE A 88 2.51 18.21 1.34
C ILE A 88 2.30 17.30 2.53
N LEU A 89 2.39 15.99 2.30
CA LEU A 89 2.44 15.02 3.37
C LEU A 89 3.90 14.73 3.70
N VAL A 90 4.23 14.75 4.99
CA VAL A 90 5.58 14.48 5.46
C VAL A 90 5.55 13.13 6.19
N GLN A 91 6.40 12.22 5.76
CA GLN A 91 6.31 10.82 6.15
C GLN A 91 7.72 10.31 6.41
N GLU A 92 7.85 9.32 7.30
CA GLU A 92 9.15 8.72 7.53
C GLU A 92 9.73 8.21 6.22
N PHE A 93 11.04 8.30 6.09
CA PHE A 93 11.71 7.82 4.90
C PHE A 93 12.16 6.40 5.20
N VAL A 94 11.74 5.47 4.39
CA VAL A 94 12.04 4.06 4.60
C VAL A 94 13.27 3.73 3.77
N LYS A 95 14.15 2.90 4.32
CA LYS A 95 15.47 2.75 3.68
C LYS A 95 15.37 2.05 2.32
N PHE A 96 14.58 1.00 2.20
CA PHE A 96 14.62 0.14 1.02
C PHE A 96 13.43 0.31 0.09
N GLY A 97 12.62 1.36 0.26
CA GLY A 97 11.56 1.68 -0.66
C GLY A 97 10.41 0.68 -0.66
N SER A 98 9.63 0.73 -1.75
CA SER A 98 8.39 -0.04 -1.84
C SER A 98 8.66 -1.47 -2.30
N LEU A 99 7.69 -2.35 -2.01
CA LEU A 99 7.89 -3.77 -2.22
C LEU A 99 7.90 -4.12 -3.70
N ASP A 100 7.08 -3.45 -4.51
CA ASP A 100 7.00 -3.85 -5.90
C ASP A 100 8.36 -3.69 -6.58
N THR A 101 9.01 -2.53 -6.38
CA THR A 101 10.33 -2.34 -6.96
C THR A 101 11.35 -3.27 -6.32
N TYR A 102 11.22 -3.53 -5.01
CA TYR A 102 12.16 -4.44 -4.37
C TYR A 102 12.05 -5.86 -4.92
N LEU A 103 10.82 -6.34 -5.16
CA LEU A 103 10.62 -7.69 -5.72
C LEU A 103 11.18 -7.82 -7.13
N LYS A 104 11.10 -6.75 -7.93
CA LYS A 104 11.68 -6.80 -9.26
C LYS A 104 13.20 -6.90 -9.19
N LYS A 105 13.83 -5.94 -8.48
CA LYS A 105 15.29 -5.86 -8.42
C LYS A 105 15.93 -7.01 -7.66
N ASN A 106 15.16 -7.83 -6.95
CA ASN A 106 15.72 -8.89 -6.12
C ASN A 106 15.05 -10.24 -6.36
N LYS A 107 14.35 -10.40 -7.49
CA LYS A 107 13.57 -11.61 -7.76
C LYS A 107 14.41 -12.87 -7.60
N ASN A 108 15.64 -12.86 -8.10
CA ASN A 108 16.51 -14.04 -8.04
C ASN A 108 17.11 -14.24 -6.65
N CYS A 109 16.40 -13.83 -5.60
CA CYS A 109 16.91 -14.00 -4.24
C CYS A 109 15.79 -13.94 -3.20
N ILE A 110 14.56 -14.28 -3.61
CA ILE A 110 13.38 -14.22 -2.75
C ILE A 110 12.72 -15.60 -2.78
N ASN A 111 12.70 -16.28 -1.64
CA ASN A 111 12.13 -17.61 -1.52
C ASN A 111 10.83 -17.58 -0.72
N ILE A 112 10.18 -18.75 -0.68
CA ILE A 112 8.87 -18.87 -0.04
C ILE A 112 8.91 -18.40 1.40
N LEU A 113 10.02 -18.66 2.11
CA LEU A 113 10.11 -18.24 3.50
C LEU A 113 10.07 -16.72 3.63
N TRP A 114 10.77 -16.00 2.75
CA TRP A 114 10.76 -14.54 2.78
C TRP A 114 9.37 -14.01 2.47
N LYS A 115 8.69 -14.62 1.51
CA LYS A 115 7.35 -14.20 1.14
C LYS A 115 6.37 -14.43 2.29
N LEU A 116 6.41 -15.63 2.90
CA LEU A 116 5.52 -15.96 4.00
C LEU A 116 5.65 -14.95 5.13
N GLU A 117 6.88 -14.57 5.47
CA GLU A 117 7.07 -13.61 6.56
C GLU A 117 6.50 -12.25 6.19
N VAL A 118 6.64 -11.85 4.92
CA VAL A 118 6.09 -10.58 4.47
C VAL A 118 4.56 -10.63 4.44
N ALA A 119 3.99 -11.73 3.96
CA ALA A 119 2.53 -11.88 3.96
C ALA A 119 1.96 -11.90 5.37
N LYS A 120 2.62 -12.60 6.30
CA LYS A 120 2.16 -12.64 7.69
C LYS A 120 2.18 -11.26 8.34
N GLN A 121 3.24 -10.47 8.09
CA GLN A 121 3.30 -9.13 8.66
C GLN A 121 2.21 -8.23 8.06
N LEU A 122 1.97 -8.34 6.74
CA LEU A 122 0.92 -7.53 6.14
C LEU A 122 -0.46 -7.96 6.64
N ALA A 123 -0.69 -9.26 6.79
CA ALA A 123 -1.94 -9.71 7.38
C ALA A 123 -2.08 -9.19 8.81
N ALA A 124 -0.99 -9.20 9.57
CA ALA A 124 -1.05 -8.67 10.93
C ALA A 124 -1.51 -7.22 10.92
N ALA A 125 -0.94 -6.40 10.03
CA ALA A 125 -1.38 -5.01 9.92
C ALA A 125 -2.85 -4.92 9.51
N MET A 126 -3.26 -5.71 8.52
CA MET A 126 -4.66 -5.70 8.10
C MET A 126 -5.58 -6.21 9.22
N HIS A 127 -5.15 -7.21 9.98
CA HIS A 127 -5.96 -7.65 11.09
C HIS A 127 -6.15 -6.52 12.10
N PHE A 128 -5.08 -5.78 12.38
CA PHE A 128 -5.20 -4.63 13.27
C PHE A 128 -6.21 -3.64 12.71
N LEU A 129 -6.16 -3.37 11.40
CA LEU A 129 -7.12 -2.45 10.81
C LEU A 129 -8.54 -3.01 10.87
N GLU A 130 -8.71 -4.31 10.58
CA GLU A 130 -10.03 -4.91 10.65
C GLU A 130 -10.61 -4.80 12.05
N GLU A 131 -9.82 -5.13 13.08
CA GLU A 131 -10.28 -5.00 14.47
C GLU A 131 -10.69 -3.56 14.80
N ASN A 132 -10.00 -2.58 14.25
CA ASN A 132 -10.37 -1.18 14.42
C ASN A 132 -11.40 -0.70 13.39
N THR A 133 -11.93 -1.62 12.59
CA THR A 133 -12.90 -1.32 11.53
C THR A 133 -12.47 -0.09 10.73
N LEU A 134 -11.19 -0.06 10.35
CA LEU A 134 -10.65 0.99 9.51
C LEU A 134 -10.32 0.42 8.13
N ILE A 135 -10.95 0.97 7.11
CA ILE A 135 -10.71 0.54 5.73
C ILE A 135 -9.47 1.25 5.21
N HIS A 136 -8.55 0.49 4.64
CA HIS A 136 -7.40 1.10 3.98
C HIS A 136 -7.78 1.63 2.61
N GLY A 137 -8.20 0.72 1.71
CA GLY A 137 -8.74 1.11 0.42
C GLY A 137 -7.76 0.99 -0.74
N ASN A 138 -6.48 0.79 -0.47
CA ASN A 138 -5.52 0.69 -1.58
C ASN A 138 -4.35 -0.19 -1.18
N VAL A 139 -4.63 -1.44 -0.83
CA VAL A 139 -3.58 -2.40 -0.50
C VAL A 139 -2.96 -2.88 -1.79
N CYS A 140 -1.64 -2.72 -1.92
CA CYS A 140 -0.90 -3.14 -3.10
C CYS A 140 0.58 -3.12 -2.76
N ALA A 141 1.37 -3.78 -3.61
CA ALA A 141 2.80 -3.89 -3.35
C ALA A 141 3.48 -2.53 -3.30
N LYS A 142 2.98 -1.55 -4.08
CA LYS A 142 3.58 -0.23 -4.09
C LYS A 142 3.37 0.51 -2.78
N ASN A 143 2.35 0.14 -2.01
CA ASN A 143 2.06 0.73 -0.71
C ASN A 143 2.60 -0.11 0.45
N ILE A 144 3.49 -1.06 0.17
CA ILE A 144 4.22 -1.77 1.21
C ILE A 144 5.68 -1.32 1.17
N LEU A 145 6.20 -0.91 2.32
CA LEU A 145 7.56 -0.40 2.45
C LEU A 145 8.43 -1.39 3.20
N LEU A 146 9.66 -1.56 2.74
CA LEU A 146 10.61 -2.49 3.35
C LEU A 146 11.56 -1.70 4.25
N ILE A 147 11.35 -1.82 5.56
CA ILE A 147 12.16 -1.15 6.57
C ILE A 147 13.54 -1.79 6.68
N ARG A 148 13.57 -3.12 6.66
CA ARG A 148 14.79 -3.87 6.94
C ARG A 148 14.78 -5.11 6.05
N GLU A 149 15.91 -5.39 5.43
CA GLU A 149 16.03 -6.59 4.62
C GLU A 149 16.20 -7.81 5.52
N GLU A 150 15.85 -8.97 4.97
CA GLU A 150 16.18 -10.23 5.60
C GLU A 150 17.70 -10.33 5.77
N ASP A 151 18.12 -10.98 6.85
CA ASP A 151 19.54 -11.21 7.10
C ASP A 151 19.66 -12.66 7.57
N ARG A 152 19.87 -13.58 6.62
CA ARG A 152 20.08 -14.98 6.96
C ARG A 152 21.20 -15.17 7.97
N LYS A 153 22.23 -14.30 7.92
CA LYS A 153 23.38 -14.44 8.81
C LYS A 153 22.94 -14.37 10.27
N THR A 154 22.18 -13.34 10.63
CA THR A 154 21.66 -13.19 11.99
C THR A 154 20.24 -13.71 12.12
N GLY A 155 19.73 -14.45 11.14
CA GLY A 155 18.39 -15.01 11.20
C GLY A 155 17.28 -13.99 11.23
N ASN A 156 17.61 -12.72 10.97
CA ASN A 156 16.66 -11.63 11.06
C ASN A 156 15.71 -11.62 9.87
N PRO A 157 14.40 -11.67 10.08
CA PRO A 157 13.46 -11.65 8.95
C PRO A 157 13.34 -10.26 8.37
N PRO A 158 12.76 -10.11 7.19
CA PRO A 158 12.45 -8.77 6.70
C PRO A 158 11.37 -8.12 7.56
N PHE A 159 11.32 -6.80 7.51
CA PHE A 159 10.30 -6.03 8.22
C PHE A 159 9.68 -5.02 7.26
N ILE A 160 8.36 -5.06 7.14
CA ILE A 160 7.62 -4.20 6.23
C ILE A 160 6.67 -3.30 7.01
N LYS A 161 6.27 -2.20 6.37
CA LYS A 161 5.16 -1.38 6.83
C LYS A 161 4.20 -1.13 5.68
N LEU A 162 2.93 -0.96 6.03
CA LEU A 162 1.89 -0.54 5.10
C LEU A 162 1.80 0.98 5.10
N SER A 163 1.85 1.58 3.91
CA SER A 163 1.80 3.02 3.77
C SER A 163 0.36 3.51 3.68
N ASP A 164 0.19 4.82 3.53
CA ASP A 164 -1.15 5.38 3.47
C ASP A 164 -1.76 5.13 2.09
N PRO A 165 -3.09 5.11 2.00
CA PRO A 165 -3.74 4.67 0.75
C PRO A 165 -3.75 5.69 -0.38
N GLY A 166 -3.42 6.95 -0.11
CA GLY A 166 -3.63 7.98 -1.11
C GLY A 166 -5.10 8.37 -1.21
N ILE A 167 -5.40 9.13 -2.26
CA ILE A 167 -6.76 9.61 -2.47
C ILE A 167 -7.71 8.43 -2.59
N SER A 168 -8.88 8.55 -1.95
CA SER A 168 -9.84 7.47 -1.87
C SER A 168 -10.42 7.11 -3.23
N ILE A 169 -10.67 5.81 -3.43
CA ILE A 169 -11.36 5.35 -4.63
C ILE A 169 -12.81 5.84 -4.66
N THR A 170 -13.34 6.32 -3.53
CA THR A 170 -14.69 6.83 -3.51
C THR A 170 -14.81 8.22 -4.13
N VAL A 171 -13.70 8.85 -4.52
CA VAL A 171 -13.77 10.13 -5.22
C VAL A 171 -12.93 10.15 -6.50
N LEU A 172 -12.27 9.04 -6.85
CA LEU A 172 -11.37 9.07 -7.99
C LEU A 172 -12.13 8.89 -9.30
N PRO A 173 -11.61 9.43 -10.40
CA PRO A 173 -12.28 9.25 -11.70
C PRO A 173 -12.41 7.78 -12.06
N LYS A 174 -13.44 7.47 -12.84
CA LYS A 174 -13.74 6.06 -13.14
C LYS A 174 -12.66 5.40 -13.98
N ASP A 175 -12.01 6.14 -14.88
CA ASP A 175 -10.96 5.50 -15.67
C ASP A 175 -9.73 5.16 -14.84
N ILE A 176 -9.50 5.88 -13.73
CA ILE A 176 -8.40 5.51 -12.85
C ILE A 176 -8.76 4.27 -12.05
N LEU A 177 -9.99 4.21 -11.53
CA LEU A 177 -10.48 2.99 -10.89
C LEU A 177 -10.37 1.79 -11.82
N GLN A 178 -10.73 1.96 -13.10
CA GLN A 178 -10.68 0.81 -14.00
C GLN A 178 -9.25 0.38 -14.26
N GLU A 179 -8.32 1.34 -14.32
CA GLU A 179 -6.92 0.99 -14.49
C GLU A 179 -6.34 0.27 -13.28
N ARG A 180 -6.97 0.42 -12.10
CA ARG A 180 -6.54 -0.25 -10.89
C ARG A 180 -7.20 -1.63 -10.69
N ILE A 181 -7.97 -2.10 -11.67
CA ILE A 181 -8.27 -3.54 -11.72
C ILE A 181 -6.96 -4.29 -11.93
N PRO A 182 -6.68 -5.38 -11.18
CA PRO A 182 -7.57 -6.06 -10.25
C PRO A 182 -7.34 -5.82 -8.74
N TRP A 183 -6.71 -4.70 -8.36
CA TRP A 183 -6.61 -4.36 -6.95
C TRP A 183 -7.94 -3.85 -6.41
N VAL A 184 -8.65 -3.04 -7.20
CA VAL A 184 -9.97 -2.57 -6.82
C VAL A 184 -10.97 -3.71 -7.01
N PRO A 185 -11.78 -4.02 -5.99
CA PRO A 185 -12.67 -5.18 -6.07
C PRO A 185 -13.80 -4.95 -7.04
N PRO A 186 -14.43 -6.03 -7.53
CA PRO A 186 -15.55 -5.85 -8.47
C PRO A 186 -16.70 -5.04 -7.92
N GLU A 187 -17.03 -5.17 -6.64
CA GLU A 187 -18.15 -4.38 -6.13
C GLU A 187 -17.86 -2.89 -6.15
N CYS A 188 -16.58 -2.49 -6.09
CA CYS A 188 -16.29 -1.06 -6.12
C CYS A 188 -16.25 -0.52 -7.55
N ILE A 189 -15.95 -1.37 -8.54
CA ILE A 189 -16.11 -0.98 -9.93
C ILE A 189 -17.59 -0.75 -10.24
N GLU A 190 -18.45 -1.67 -9.80
CA GLU A 190 -19.89 -1.46 -9.92
C GLU A 190 -20.32 -0.17 -9.24
N ASN A 191 -19.75 0.12 -8.06
CA ASN A 191 -20.10 1.30 -7.28
C ASN A 191 -19.00 1.65 -6.28
N PRO A 192 -18.27 2.75 -6.47
CA PRO A 192 -17.18 3.06 -5.53
C PRO A 192 -17.62 3.19 -4.09
N LYS A 193 -18.88 3.59 -3.83
CA LYS A 193 -19.34 3.69 -2.45
C LYS A 193 -19.50 2.34 -1.78
N ASN A 194 -19.38 1.24 -2.53
CA ASN A 194 -19.35 -0.11 -1.96
C ASN A 194 -18.07 -0.38 -1.18
N LEU A 195 -17.20 0.61 -0.98
CA LEU A 195 -15.99 0.43 -0.19
C LEU A 195 -16.37 -0.01 1.22
N ASN A 196 -15.79 -1.12 1.67
CA ASN A 196 -16.11 -1.75 2.94
C ASN A 196 -14.88 -2.50 3.41
N LEU A 197 -14.93 -3.05 4.63
CA LEU A 197 -13.83 -3.87 5.11
C LEU A 197 -13.48 -4.98 4.11
N ALA A 198 -14.50 -5.61 3.51
CA ALA A 198 -14.24 -6.69 2.57
C ALA A 198 -13.42 -6.23 1.36
N THR A 199 -13.39 -4.92 1.07
CA THR A 199 -12.55 -4.42 -0.02
C THR A 199 -11.10 -4.82 0.17
N ASP A 200 -10.59 -4.68 1.40
CA ASP A 200 -9.16 -4.88 1.65
C ASP A 200 -8.76 -6.34 1.54
N LYS A 201 -9.69 -7.25 1.81
CA LYS A 201 -9.39 -8.67 1.67
C LYS A 201 -9.15 -9.02 0.21
N TRP A 202 -9.94 -8.46 -0.71
CA TRP A 202 -9.71 -8.69 -2.13
C TRP A 202 -8.34 -8.16 -2.54
N SER A 203 -8.07 -6.89 -2.21
CA SER A 203 -6.80 -6.27 -2.59
C SER A 203 -5.62 -6.98 -1.96
N PHE A 204 -5.78 -7.43 -0.71
CA PHE A 204 -4.73 -8.22 -0.07
C PHE A 204 -4.40 -9.42 -0.93
N GLY A 205 -5.43 -10.11 -1.44
CA GLY A 205 -5.22 -11.23 -2.35
C GLY A 205 -4.44 -10.82 -3.58
N THR A 206 -4.84 -9.70 -4.21
CA THR A 206 -4.08 -9.19 -5.36
C THR A 206 -2.63 -8.92 -4.97
N THR A 207 -2.39 -8.47 -3.73
CA THR A 207 -1.04 -8.13 -3.30
C THR A 207 -0.19 -9.38 -3.09
N LEU A 208 -0.79 -10.46 -2.58
CA LEU A 208 -0.08 -11.73 -2.49
C LEU A 208 0.37 -12.21 -3.86
N TRP A 209 -0.50 -12.06 -4.86
CA TRP A 209 -0.12 -12.41 -6.22
C TRP A 209 1.12 -11.61 -6.65
N GLU A 210 1.12 -10.31 -6.38
CA GLU A 210 2.30 -9.48 -6.65
C GLU A 210 3.54 -10.04 -5.97
N ILE A 211 3.42 -10.36 -4.67
CA ILE A 211 4.56 -10.86 -3.91
C ILE A 211 5.08 -12.18 -4.49
N CYS A 212 4.19 -12.99 -5.05
CA CYS A 212 4.62 -14.25 -5.64
C CYS A 212 5.09 -14.11 -7.08
N SER A 213 4.93 -12.94 -7.71
CA SER A 213 5.18 -12.80 -9.14
C SER A 213 6.31 -11.84 -9.44
N GLY A 214 7.25 -11.69 -8.51
CA GLY A 214 8.45 -10.92 -8.78
C GLY A 214 8.20 -9.49 -9.20
N GLY A 215 7.08 -8.89 -8.79
CA GLY A 215 6.81 -7.53 -9.20
C GLY A 215 6.13 -7.36 -10.54
N ASP A 216 5.78 -8.45 -11.24
CA ASP A 216 4.84 -8.33 -12.34
C ASP A 216 3.53 -7.75 -11.83
N LYS A 217 2.84 -7.02 -12.71
CA LYS A 217 1.54 -6.47 -12.37
C LYS A 217 0.47 -7.35 -12.98
N PRO A 218 -0.47 -7.86 -12.19
CA PRO A 218 -1.47 -8.78 -12.74
C PRO A 218 -2.34 -8.05 -13.74
N LEU A 219 -2.60 -8.70 -14.88
CA LEU A 219 -3.46 -8.19 -15.95
C LEU A 219 -2.88 -6.95 -16.65
N SER A 220 -1.58 -6.71 -16.55
CA SER A 220 -0.99 -5.52 -17.16
C SER A 220 -1.15 -5.51 -18.68
N ALA A 221 -1.20 -6.69 -19.31
CA ALA A 221 -1.41 -6.77 -20.76
C ALA A 221 -2.81 -6.32 -21.18
N LEU A 222 -3.77 -6.22 -20.26
CA LEU A 222 -5.15 -5.87 -20.59
C LEU A 222 -5.38 -4.39 -20.41
N ASP A 223 -5.99 -3.76 -21.41
CA ASP A 223 -6.39 -2.36 -21.32
C ASP A 223 -7.65 -2.23 -20.45
N SER A 224 -8.09 -0.99 -20.25
CA SER A 224 -9.17 -0.73 -19.30
C SER A 224 -10.45 -1.49 -19.65
N GLN A 225 -10.78 -1.58 -20.94
CA GLN A 225 -12.01 -2.27 -21.34
C GLN A 225 -11.90 -3.76 -21.13
N ARG A 226 -10.73 -4.36 -21.41
CA ARG A 226 -10.56 -5.77 -21.15
C ARG A 226 -10.52 -6.08 -19.65
N LYS A 227 -9.98 -5.16 -18.83
CA LYS A 227 -10.01 -5.35 -17.39
C LYS A 227 -11.45 -5.38 -16.88
N LEU A 228 -12.28 -4.44 -17.36
CA LEU A 228 -13.72 -4.46 -17.07
C LEU A 228 -14.34 -5.81 -17.40
N GLN A 229 -14.09 -6.31 -18.60
CA GLN A 229 -14.73 -7.56 -19.03
C GLN A 229 -14.17 -8.76 -18.27
N PHE A 230 -12.91 -8.71 -17.84
CA PHE A 230 -12.36 -9.71 -16.93
C PHE A 230 -13.28 -9.90 -15.72
N TYR A 231 -13.66 -8.80 -15.06
CA TYR A 231 -14.59 -8.92 -13.94
C TYR A 231 -15.98 -9.39 -14.41
N GLU A 232 -16.43 -8.91 -15.57
CA GLU A 232 -17.78 -9.25 -16.03
C GLU A 232 -17.90 -10.75 -16.25
N ASP A 233 -16.86 -11.39 -16.75
CA ASP A 233 -16.83 -12.83 -16.92
C ASP A 233 -16.36 -13.56 -15.67
N ARG A 234 -16.10 -12.85 -14.57
CA ARG A 234 -15.77 -13.46 -13.27
C ARG A 234 -14.57 -14.40 -13.34
N HIS A 235 -13.53 -13.96 -14.04
CA HIS A 235 -12.28 -14.70 -14.05
C HIS A 235 -11.50 -14.46 -12.76
N GLN A 236 -10.59 -15.38 -12.46
CA GLN A 236 -9.63 -15.25 -11.38
C GLN A 236 -8.24 -15.04 -11.97
N LEU A 237 -7.31 -14.56 -11.15
CA LEU A 237 -5.95 -14.38 -11.62
C LEU A 237 -5.30 -15.75 -11.86
N PRO A 238 -4.39 -15.84 -12.83
CA PRO A 238 -3.60 -17.07 -12.99
C PRO A 238 -2.78 -17.35 -11.75
N ALA A 239 -2.62 -18.63 -11.43
CA ALA A 239 -1.70 -18.97 -10.35
C ALA A 239 -0.29 -18.60 -10.76
N PRO A 240 0.49 -17.98 -9.88
CA PRO A 240 1.90 -17.73 -10.21
C PRO A 240 2.68 -19.04 -10.24
N LYS A 241 3.78 -19.04 -11.00
CA LYS A 241 4.67 -20.21 -11.07
C LYS A 241 5.04 -20.69 -9.67
N ALA A 242 5.51 -19.77 -8.83
CA ALA A 242 5.57 -20.01 -7.39
C ALA A 242 4.14 -20.00 -6.87
N ALA A 243 3.52 -21.17 -6.75
CA ALA A 243 2.08 -21.26 -6.57
C ALA A 243 1.66 -21.55 -5.13
N GLU A 244 2.57 -21.42 -4.16
CA GLU A 244 2.27 -21.85 -2.80
C GLU A 244 1.16 -21.04 -2.14
N LEU A 245 0.88 -19.83 -2.61
CA LEU A 245 -0.19 -19.01 -2.04
C LEU A 245 -1.41 -18.89 -2.94
N ALA A 246 -1.48 -19.68 -4.02
CA ALA A 246 -2.50 -19.47 -5.03
C ALA A 246 -3.90 -19.67 -4.46
N ASN A 247 -4.09 -20.73 -3.65
CA ASN A 247 -5.40 -20.96 -3.05
C ASN A 247 -5.80 -19.80 -2.15
N LEU A 248 -4.87 -19.29 -1.33
CA LEU A 248 -5.20 -18.15 -0.47
C LEU A 248 -5.54 -16.94 -1.30
N ILE A 249 -4.78 -16.69 -2.37
CA ILE A 249 -5.09 -15.58 -3.28
C ILE A 249 -6.50 -15.71 -3.81
N ASN A 250 -6.84 -16.88 -4.34
CA ASN A 250 -8.19 -17.05 -4.87
C ASN A 250 -9.26 -16.99 -3.78
N ASN A 251 -8.97 -17.51 -2.58
CA ASN A 251 -9.93 -17.40 -1.49
C ASN A 251 -10.20 -15.95 -1.11
N CYS A 252 -9.15 -15.10 -1.10
CA CYS A 252 -9.38 -13.69 -0.80
C CYS A 252 -10.09 -12.99 -1.94
N MET A 253 -9.72 -13.30 -3.18
CA MET A 253 -10.33 -12.64 -4.33
C MET A 253 -11.64 -13.35 -4.70
N ASP A 254 -12.57 -13.29 -3.77
CA ASP A 254 -13.88 -13.90 -3.93
C ASP A 254 -14.86 -12.84 -4.43
N TYR A 255 -15.54 -13.12 -5.55
CA TYR A 255 -16.48 -12.15 -6.10
C TYR A 255 -17.63 -11.85 -5.13
N GLU A 256 -17.89 -12.73 -4.17
CA GLU A 256 -18.86 -12.43 -3.13
C GLU A 256 -18.15 -11.77 -1.94
N PRO A 257 -18.35 -10.47 -1.68
CA PRO A 257 -17.62 -9.84 -0.57
C PRO A 257 -17.87 -10.50 0.78
N ASP A 258 -19.09 -10.97 1.04
CA ASP A 258 -19.38 -11.55 2.35
C ASP A 258 -18.65 -12.87 2.58
N HIS A 259 -18.15 -13.49 1.52
CA HIS A 259 -17.49 -14.78 1.68
C HIS A 259 -16.00 -14.66 1.89
N ARG A 260 -15.42 -13.47 1.74
CA ARG A 260 -13.98 -13.33 1.88
C ARG A 260 -13.60 -13.57 3.34
N PRO A 261 -12.54 -14.33 3.58
CA PRO A 261 -12.23 -14.73 4.97
C PRO A 261 -11.67 -13.56 5.78
N SER A 262 -11.93 -13.61 7.09
CA SER A 262 -11.39 -12.62 8.00
C SER A 262 -9.87 -12.72 8.01
N PHE A 263 -9.21 -11.63 8.43
CA PHE A 263 -7.76 -11.68 8.46
C PHE A 263 -7.24 -12.63 9.53
N ARG A 264 -8.02 -12.88 10.58
CA ARG A 264 -7.61 -13.90 11.54
C ARG A 264 -7.52 -15.26 10.87
N ALA A 265 -8.54 -15.61 10.07
CA ALA A 265 -8.49 -16.86 9.32
C ALA A 265 -7.37 -16.84 8.29
N ILE A 266 -7.15 -15.70 7.63
CA ILE A 266 -6.02 -15.59 6.71
C ILE A 266 -4.70 -15.87 7.44
N ILE A 267 -4.50 -15.25 8.61
CA ILE A 267 -3.27 -15.49 9.35
C ILE A 267 -3.14 -16.98 9.72
N ARG A 268 -4.24 -17.60 10.14
CA ARG A 268 -4.17 -19.03 10.46
C ARG A 268 -3.74 -19.85 9.24
N ASP A 269 -4.26 -19.51 8.06
CA ASP A 269 -3.86 -20.19 6.82
C ASP A 269 -2.38 -20.00 6.52
N LEU A 270 -1.89 -18.76 6.65
CA LEU A 270 -0.48 -18.49 6.41
C LEU A 270 0.40 -19.32 7.34
N ASN A 271 0.04 -19.36 8.64
CA ASN A 271 0.80 -20.11 9.61
C ASN A 271 0.85 -21.60 9.33
N SER A 272 -0.14 -22.13 8.59
CA SER A 272 -0.20 -23.56 8.32
C SER A 272 0.54 -23.98 7.06
N LEU A 273 1.23 -23.06 6.39
CA LEU A 273 1.95 -23.40 5.15
C LEU A 273 3.39 -23.84 5.43
#